data_9F7W
#
_entry.id   9F7W
#
_cell.length_a   43.800
_cell.length_b   54.190
_cell.length_c   66.472
_cell.angle_alpha   90.000
_cell.angle_beta   107.030
_cell.angle_gamma   90.000
#
_symmetry.space_group_name_H-M   'P 1 21 1'
#
loop_
_entity.id
_entity.type
_entity.pdbx_description
1 polymer 'Peroxisome proliferator-activated receptor gamma'
2 polymer 'Peroxisome proliferator-activated receptor gamma coactivator 1-alpha'
3 non-polymer "4,4'-PROPANE-2,2-DIYLDIPHENOL"
4 water water
#
loop_
_entity_poly.entity_id
_entity_poly.type
_entity_poly.pdbx_seq_one_letter_code
_entity_poly.pdbx_strand_id
1 'polypeptide(L)'
;MRGSHHHHHHGPESADLRALAKHLYDSYIKSFPLTKAKARAILTGKTTDKSPFVIYDMNSLMMGEDKIKFKHITPLQEQS
KEVAIRIFQGCQFRSVEAVQEITEYAKSIPGFVNLDLNDQVTLLKYGVHEIIYTMLASLMNKDGVLISEGQGFMTREFLK
SLRKPFGDFMEPKFEFAVKFNALELDDSDLAIFIAVIILSGDRPGLLNVKPIEDIQDNLLQALELQLKLNHPESSQLFAK
LLQKMTDLRQIVTEHVQLLQVIKKTETDMSLHPLLQEIYKDLY
;
A
2 'polypeptide(L)' QEAEEPSLLKKLLLAPANT B
#
loop_
_chem_comp.id
_chem_comp.type
_chem_comp.name
_chem_comp.formula
2OH non-polymer 4,4'-PROPANE-2,2-DIYLDIPHENOL 'C15 H16 O2'
#
# COMPACT_ATOMS: atom_id res chain seq x y z
N GLY A 11 -7.43 17.64 26.16
CA GLY A 11 -8.26 17.04 27.19
C GLY A 11 -9.59 16.63 26.60
N PRO A 12 -10.50 17.60 26.42
CA PRO A 12 -11.63 17.35 25.50
C PRO A 12 -11.14 17.13 24.08
N GLU A 13 -10.20 17.96 23.64
CA GLU A 13 -9.49 17.73 22.38
C GLU A 13 -8.83 16.37 22.37
N SER A 14 -8.13 16.00 23.45
CA SER A 14 -7.41 14.73 23.44
C SER A 14 -8.36 13.56 23.31
N ALA A 15 -9.50 13.60 24.01
CA ALA A 15 -10.44 12.49 23.91
C ALA A 15 -10.97 12.36 22.50
N ASP A 16 -11.24 13.48 21.84
CA ASP A 16 -11.70 13.41 20.46
C ASP A 16 -10.61 12.85 19.54
N LEU A 17 -9.34 13.13 19.83
CA LEU A 17 -8.25 12.55 19.02
C LEU A 17 -8.18 11.04 19.17
N ARG A 18 -8.48 10.51 20.36
CA ARG A 18 -8.54 9.06 20.56
C ARG A 18 -9.74 8.47 19.83
N ALA A 19 -10.88 9.16 19.86
CA ALA A 19 -12.04 8.65 19.14
C ALA A 19 -11.78 8.62 17.64
N LEU A 20 -11.09 9.65 17.13
CA LEU A 20 -10.72 9.66 15.72
C LEU A 20 -9.77 8.50 15.42
N ALA A 21 -8.77 8.29 16.28
CA ALA A 21 -7.85 7.18 16.07
C ALA A 21 -8.60 5.87 16.01
N LYS A 22 -9.56 5.65 16.92
CA LYS A 22 -10.31 4.42 16.94
C LYS A 22 -11.19 4.29 15.71
N HIS A 23 -11.84 5.38 15.31
CA HIS A 23 -12.64 5.36 14.08
C HIS A 23 -11.81 4.89 12.90
N LEU A 24 -10.60 5.46 12.76
CA LEU A 24 -9.72 5.10 11.65
C LEU A 24 -9.31 3.64 11.74
N TYR A 25 -9.00 3.16 12.94
CA TYR A 25 -8.63 1.75 13.07
C TYR A 25 -9.79 0.85 12.66
N ASP A 26 -10.99 1.14 13.14
CA ASP A 26 -12.12 0.30 12.81
C ASP A 26 -12.37 0.30 11.31
N SER A 27 -12.17 1.45 10.67
CA SER A 27 -12.35 1.55 9.21
CA SER A 27 -12.38 1.48 9.21
CA SER A 27 -12.40 1.45 9.22
C SER A 27 -11.25 0.79 8.47
N TYR A 28 -10.03 0.88 8.98
CA TYR A 28 -8.91 0.13 8.41
C TYR A 28 -9.20 -1.35 8.44
N ILE A 29 -9.74 -1.85 9.56
CA ILE A 29 -10.09 -3.25 9.69
C ILE A 29 -11.17 -3.62 8.67
N LYS A 30 -12.13 -2.72 8.42
CA LYS A 30 -13.19 -3.01 7.46
C LYS A 30 -12.64 -3.01 6.03
N SER A 31 -11.62 -2.21 5.76
CA SER A 31 -11.16 -1.98 4.40
C SER A 31 -10.05 -2.94 3.95
N PHE A 32 -9.23 -3.44 4.87
CA PHE A 32 -8.02 -4.18 4.54
C PHE A 32 -8.11 -5.57 5.14
N PRO A 33 -8.44 -6.58 4.33
CA PRO A 33 -8.61 -7.92 4.89
C PRO A 33 -7.39 -8.48 5.59
N LEU A 34 -6.19 -8.25 5.04
CA LEU A 34 -4.97 -8.81 5.59
C LEU A 34 -4.23 -7.70 6.34
N THR A 35 -4.42 -7.67 7.65
CA THR A 35 -3.80 -6.68 8.50
C THR A 35 -2.37 -7.06 8.84
N LYS A 36 -1.62 -6.13 9.44
CA LYS A 36 -0.28 -6.47 9.89
C LYS A 36 -0.32 -7.56 10.97
N ALA A 37 -1.27 -7.47 11.90
CA ALA A 37 -1.33 -8.49 12.95
C ALA A 37 -1.50 -9.87 12.33
N LYS A 38 -2.41 -9.98 11.36
CA LYS A 38 -2.65 -11.29 10.74
C LYS A 38 -1.46 -11.72 9.89
N ALA A 39 -0.83 -10.78 9.18
CA ALA A 39 0.37 -11.12 8.41
C ALA A 39 1.51 -11.57 9.33
N ARG A 40 1.75 -10.87 10.44
CA ARG A 40 2.88 -11.20 11.30
C ARG A 40 2.71 -12.60 11.88
N ALA A 41 1.47 -12.98 12.20
CA ALA A 41 1.21 -14.31 12.71
C ALA A 41 1.63 -15.36 11.69
N ILE A 42 1.27 -15.14 10.44
CA ILE A 42 1.69 -16.06 9.37
C ILE A 42 3.20 -16.08 9.24
N LEU A 43 3.81 -14.90 9.15
CA LEU A 43 5.26 -14.84 8.97
C LEU A 43 5.97 -15.54 10.13
N THR A 44 5.59 -15.23 11.36
CA THR A 44 6.26 -15.83 12.51
C THR A 44 5.89 -17.31 12.70
N GLY A 45 4.80 -17.77 12.07
CA GLY A 45 4.38 -19.15 12.22
C GLY A 45 3.54 -19.40 13.46
N LYS A 46 2.79 -18.40 13.92
CA LYS A 46 1.98 -18.51 15.12
C LYS A 46 0.50 -18.66 14.81
N THR A 47 0.16 -19.08 13.60
CA THR A 47 -1.23 -19.20 13.19
C THR A 47 -1.62 -20.66 13.12
N THR A 48 -2.91 -20.92 13.32
CA THR A 48 -3.48 -22.24 13.12
C THR A 48 -3.90 -22.47 11.67
N ASP A 49 -3.97 -21.41 10.87
CA ASP A 49 -4.34 -21.53 9.48
C ASP A 49 -3.29 -22.33 8.71
N LYS A 50 -3.62 -22.64 7.46
CA LYS A 50 -2.70 -23.37 6.60
C LYS A 50 -1.50 -22.50 6.26
N SER A 51 -0.32 -23.12 6.27
CA SER A 51 0.91 -22.38 6.03
C SER A 51 0.99 -21.95 4.56
N PRO A 52 1.66 -20.83 4.29
CA PRO A 52 1.76 -20.37 2.89
C PRO A 52 2.67 -21.28 2.09
N PHE A 53 2.41 -21.32 0.79
CA PHE A 53 3.28 -22.05 -0.13
C PHE A 53 4.46 -21.17 -0.50
N VAL A 54 5.66 -21.68 -0.32
CA VAL A 54 6.89 -20.91 -0.49
C VAL A 54 7.40 -21.04 -1.93
N ILE A 55 7.56 -19.91 -2.59
CA ILE A 55 8.11 -19.83 -3.93
C ILE A 55 9.52 -19.26 -3.81
N TYR A 56 10.52 -20.11 -4.07
CA TYR A 56 11.92 -19.75 -3.87
C TYR A 56 12.76 -20.02 -5.11
N ASP A 57 12.19 -20.58 -6.17
CA ASP A 57 12.92 -20.91 -7.39
C ASP A 57 11.90 -21.17 -8.49
N MET A 58 12.38 -21.47 -9.69
CA MET A 58 11.46 -21.59 -10.82
C MET A 58 10.59 -22.84 -10.69
N ASN A 59 11.14 -23.91 -10.13
CA ASN A 59 10.36 -25.14 -9.94
C ASN A 59 9.22 -24.93 -8.96
N SER A 60 9.49 -24.26 -7.84
CA SER A 60 8.41 -24.03 -6.88
C SER A 60 7.41 -22.99 -7.40
N LEU A 61 7.85 -22.03 -8.21
CA LEU A 61 6.90 -21.14 -8.86
C LEU A 61 5.95 -21.94 -9.74
N MET A 62 6.49 -22.86 -10.53
CA MET A 62 5.62 -23.67 -11.38
C MET A 62 4.64 -24.47 -10.52
N MET A 63 5.13 -25.09 -9.44
CA MET A 63 4.29 -25.96 -8.64
C MET A 63 3.16 -25.19 -7.96
N GLY A 64 3.41 -23.94 -7.59
CA GLY A 64 2.45 -23.22 -6.78
C GLY A 64 1.61 -22.20 -7.51
N GLU A 65 1.98 -21.83 -8.73
CA GLU A 65 1.41 -20.61 -9.30
C GLU A 65 -0.08 -20.78 -9.59
N ASP A 66 -0.48 -21.91 -10.18
CA ASP A 66 -1.89 -22.08 -10.50
C ASP A 66 -2.73 -22.14 -9.23
N LYS A 67 -2.15 -22.61 -8.13
CA LYS A 67 -2.91 -22.77 -6.90
C LYS A 67 -3.24 -21.43 -6.26
N ILE A 68 -2.36 -20.44 -6.40
CA ILE A 68 -2.49 -19.19 -5.65
C ILE A 68 -2.77 -17.98 -6.53
N LYS A 69 -2.65 -18.08 -7.85
CA LYS A 69 -2.89 -16.90 -8.67
C LYS A 69 -4.39 -16.63 -8.80
N PHE A 70 -4.72 -15.40 -9.19
CA PHE A 70 -6.11 -15.05 -9.43
C PHE A 70 -6.62 -15.71 -10.70
N LYS A 71 -7.88 -16.16 -10.66
CA LYS A 71 -8.41 -17.03 -11.70
C LYS A 71 -8.71 -16.30 -13.01
N HIS A 72 -8.88 -14.98 -12.97
CA HIS A 72 -9.37 -14.23 -14.13
C HIS A 72 -8.43 -13.08 -14.49
N ILE A 73 -7.12 -13.34 -14.49
CA ILE A 73 -6.18 -12.39 -15.08
C ILE A 73 -6.06 -12.62 -16.59
N THR A 74 -6.16 -13.86 -17.04
CA THR A 74 -6.04 -14.22 -18.44
C THR A 74 -7.18 -15.14 -18.83
N PRO A 75 -7.45 -15.27 -20.14
CA PRO A 75 -8.59 -16.12 -20.55
C PRO A 75 -8.50 -17.57 -20.12
N LEU A 76 -7.31 -18.18 -20.21
CA LEU A 76 -7.15 -19.59 -19.92
C LEU A 76 -6.27 -19.89 -18.71
N GLN A 77 -5.63 -18.87 -18.13
CA GLN A 77 -4.80 -19.03 -16.93
C GLN A 77 -3.44 -19.63 -17.26
N GLU A 78 -3.32 -20.32 -18.39
CA GLU A 78 -2.05 -20.76 -18.92
C GLU A 78 -1.71 -19.89 -20.13
N GLN A 79 -0.46 -19.47 -20.22
CA GLN A 79 -0.03 -18.54 -21.27
C GLN A 79 1.47 -18.69 -21.49
N SER A 80 1.95 -18.07 -22.56
CA SER A 80 3.32 -18.27 -23.04
C SER A 80 4.26 -17.15 -22.60
N LYS A 81 3.85 -16.32 -21.65
CA LYS A 81 4.69 -15.21 -21.22
C LYS A 81 5.77 -15.69 -20.25
N GLU A 82 6.92 -15.04 -20.33
CA GLU A 82 8.02 -15.47 -19.49
C GLU A 82 7.71 -15.18 -18.03
N VAL A 83 8.48 -15.84 -17.16
CA VAL A 83 8.18 -15.80 -15.72
C VAL A 83 8.19 -14.37 -15.20
N ALA A 84 9.20 -13.59 -15.57
CA ALA A 84 9.31 -12.24 -15.01
C ALA A 84 8.09 -11.40 -15.33
N ILE A 85 7.51 -11.58 -16.51
CA ILE A 85 6.34 -10.81 -16.89
C ILE A 85 5.08 -11.36 -16.23
N ARG A 86 4.99 -12.68 -16.08
CA ARG A 86 3.85 -13.26 -15.37
C ARG A 86 3.80 -12.74 -13.94
N ILE A 87 4.95 -12.69 -13.28
CA ILE A 87 5.01 -12.16 -11.92
C ILE A 87 4.61 -10.68 -11.92
N PHE A 88 5.09 -9.91 -12.89
CA PHE A 88 4.74 -8.50 -12.98
C PHE A 88 3.24 -8.32 -13.16
N GLN A 89 2.61 -9.16 -13.98
CA GLN A 89 1.16 -9.11 -14.13
C GLN A 89 0.45 -9.43 -12.81
N GLY A 90 0.97 -10.37 -12.04
CA GLY A 90 0.38 -10.65 -10.75
C GLY A 90 0.50 -9.47 -9.82
N CYS A 91 1.67 -8.81 -9.85
CA CYS A 91 1.86 -7.62 -9.03
CA CYS A 91 1.85 -7.63 -9.01
C CYS A 91 0.85 -6.54 -9.38
N GLN A 92 0.55 -6.39 -10.68
CA GLN A 92 -0.44 -5.40 -11.10
C GLN A 92 -1.81 -5.72 -10.54
N PHE A 93 -2.24 -6.97 -10.64
CA PHE A 93 -3.54 -7.36 -10.13
C PHE A 93 -3.64 -7.01 -8.65
N ARG A 94 -2.57 -7.29 -7.89
CA ARG A 94 -2.57 -6.99 -6.47
C ARG A 94 -2.61 -5.50 -6.23
N SER A 95 -1.82 -4.72 -6.98
CA SER A 95 -1.87 -3.28 -6.83
C SER A 95 -3.26 -2.73 -7.12
N VAL A 96 -3.94 -3.26 -8.14
CA VAL A 96 -5.29 -2.81 -8.48
C VAL A 96 -6.25 -3.09 -7.32
N GLU A 97 -6.17 -4.27 -6.73
CA GLU A 97 -7.00 -4.55 -5.57
C GLU A 97 -6.66 -3.64 -4.42
N ALA A 98 -5.38 -3.35 -4.22
CA ALA A 98 -4.99 -2.48 -3.12
C ALA A 98 -5.51 -1.07 -3.34
N VAL A 99 -5.45 -0.56 -4.57
CA VAL A 99 -6.00 0.76 -4.84
C VAL A 99 -7.46 0.81 -4.43
N GLN A 100 -8.22 -0.26 -4.72
CA GLN A 100 -9.64 -0.25 -4.38
C GLN A 100 -9.85 -0.28 -2.87
N GLU A 101 -9.03 -1.05 -2.14
CA GLU A 101 -9.15 -1.08 -0.69
C GLU A 101 -8.78 0.28 -0.10
N ILE A 102 -7.72 0.90 -0.61
CA ILE A 102 -7.27 2.20 -0.11
C ILE A 102 -8.33 3.27 -0.38
N THR A 103 -8.99 3.17 -1.53
CA THR A 103 -10.04 4.14 -1.87
C THR A 103 -11.18 4.02 -0.87
N GLU A 104 -11.60 2.79 -0.56
CA GLU A 104 -12.64 2.60 0.45
C GLU A 104 -12.21 3.15 1.80
N TYR A 105 -10.94 2.96 2.17
CA TYR A 105 -10.49 3.49 3.45
C TYR A 105 -10.51 5.03 3.43
N ALA A 106 -10.03 5.61 2.34
CA ALA A 106 -10.00 7.08 2.27
C ALA A 106 -11.39 7.64 2.47
N LYS A 107 -12.41 7.01 1.90
CA LYS A 107 -13.79 7.50 2.01
C LYS A 107 -14.30 7.46 3.42
N SER A 108 -13.65 6.72 4.32
CA SER A 108 -14.02 6.70 5.72
CA SER A 108 -14.03 6.70 5.73
C SER A 108 -13.35 7.78 6.54
N ILE A 109 -12.39 8.52 5.99
CA ILE A 109 -11.66 9.53 6.76
C ILE A 109 -12.59 10.72 6.89
N PRO A 110 -12.95 11.16 8.09
CA PRO A 110 -13.92 12.25 8.21
C PRO A 110 -13.47 13.49 7.45
N GLY A 111 -14.38 14.04 6.65
CA GLY A 111 -14.10 15.16 5.80
C GLY A 111 -13.75 14.83 4.36
N PHE A 112 -13.28 13.62 4.10
CA PHE A 112 -12.75 13.31 2.78
C PHE A 112 -13.82 13.35 1.69
N VAL A 113 -14.97 12.70 1.91
CA VAL A 113 -15.94 12.65 0.85
C VAL A 113 -16.57 14.01 0.58
N ASN A 114 -16.46 14.96 1.51
CA ASN A 114 -16.96 16.30 1.28
C ASN A 114 -15.97 17.17 0.51
N LEU A 115 -14.75 16.71 0.28
CA LEU A 115 -13.83 17.47 -0.55
C LEU A 115 -14.33 17.50 -1.99
N ASP A 116 -13.91 18.53 -2.71
CA ASP A 116 -14.10 18.55 -4.15
C ASP A 116 -13.70 17.21 -4.75
N LEU A 117 -14.56 16.66 -5.60
CA LEU A 117 -14.34 15.31 -6.10
C LEU A 117 -13.04 15.20 -6.90
N ASN A 118 -12.67 16.25 -7.64
CA ASN A 118 -11.43 16.18 -8.39
C ASN A 118 -10.23 16.19 -7.45
N ASP A 119 -10.37 16.82 -6.30
CA ASP A 119 -9.29 16.78 -5.31
C ASP A 119 -9.20 15.41 -4.66
N GLN A 120 -10.35 14.75 -4.41
CA GLN A 120 -10.30 13.37 -3.95
C GLN A 120 -9.52 12.50 -4.93
N VAL A 121 -9.78 12.67 -6.21
CA VAL A 121 -9.08 11.89 -7.22
C VAL A 121 -7.58 12.16 -7.14
N THR A 122 -7.19 13.43 -7.11
CA THR A 122 -5.78 13.80 -7.05
C THR A 122 -5.12 13.20 -5.82
N LEU A 123 -5.77 13.29 -4.66
CA LEU A 123 -5.16 12.75 -3.45
C LEU A 123 -4.90 11.26 -3.59
N LEU A 124 -5.85 10.52 -4.18
CA LEU A 124 -5.63 9.09 -4.37
C LEU A 124 -4.55 8.83 -5.42
N LYS A 125 -4.62 9.53 -6.54
CA LYS A 125 -3.68 9.31 -7.63
C LYS A 125 -2.24 9.42 -7.13
N TYR A 126 -1.95 10.45 -6.34
CA TYR A 126 -0.58 10.72 -5.91
C TYR A 126 -0.22 10.10 -4.57
N GLY A 127 -1.18 9.51 -3.85
CA GLY A 127 -0.99 8.91 -2.55
C GLY A 127 -1.05 7.40 -2.53
N VAL A 128 -1.70 6.74 -3.51
CA VAL A 128 -1.94 5.30 -3.33
C VAL A 128 -0.65 4.51 -3.31
N HIS A 129 0.36 4.89 -4.11
CA HIS A 129 1.54 4.04 -4.13
C HIS A 129 2.34 4.19 -2.84
N GLU A 130 2.37 5.38 -2.25
CA GLU A 130 3.00 5.52 -0.94
C GLU A 130 2.32 4.63 0.07
N ILE A 131 0.99 4.51 -0.01
CA ILE A 131 0.27 3.65 0.91
C ILE A 131 0.53 2.18 0.59
N ILE A 132 0.59 1.85 -0.71
CA ILE A 132 0.87 0.45 -1.07
C ILE A 132 2.19 0.00 -0.48
N TYR A 133 3.23 0.83 -0.59
CA TYR A 133 4.53 0.43 -0.08
C TYR A 133 4.56 0.40 1.44
N THR A 134 3.84 1.30 2.10
CA THR A 134 3.71 1.24 3.55
C THR A 134 3.12 -0.09 3.97
N MET A 135 2.01 -0.46 3.36
CA MET A 135 1.30 -1.66 3.78
C MET A 135 1.99 -2.93 3.31
N LEU A 136 2.74 -2.86 2.22
CA LEU A 136 3.53 -4.00 1.78
C LEU A 136 4.55 -4.36 2.85
N ALA A 137 5.11 -3.38 3.55
CA ALA A 137 6.05 -3.69 4.62
C ALA A 137 5.44 -4.61 5.66
N SER A 138 4.13 -4.50 5.92
CA SER A 138 3.45 -5.37 6.88
C SER A 138 3.51 -6.82 6.47
N LEU A 139 3.64 -7.08 5.17
CA LEU A 139 3.64 -8.43 4.61
CA LEU A 139 3.64 -8.44 4.62
C LEU A 139 5.05 -8.93 4.34
N MET A 140 6.08 -8.15 4.68
CA MET A 140 7.46 -8.46 4.37
C MET A 140 8.28 -8.74 5.62
N ASN A 141 9.26 -9.60 5.46
CA ASN A 141 10.42 -9.65 6.34
C ASN A 141 11.66 -9.56 5.46
N LYS A 142 12.85 -9.70 6.06
CA LYS A 142 14.07 -9.50 5.31
C LYS A 142 14.27 -10.56 4.24
N ASP A 143 13.53 -11.66 4.32
CA ASP A 143 13.71 -12.79 3.42
C ASP A 143 12.61 -13.00 2.39
N GLY A 144 11.48 -12.30 2.48
CA GLY A 144 10.46 -12.48 1.47
C GLY A 144 9.17 -11.77 1.84
N VAL A 145 8.15 -12.01 1.01
CA VAL A 145 6.89 -11.27 1.06
C VAL A 145 5.71 -12.23 0.94
N LEU A 146 4.71 -12.01 1.78
CA LEU A 146 3.44 -12.74 1.67
C LEU A 146 2.67 -12.26 0.46
N ILE A 147 2.12 -13.21 -0.30
CA ILE A 147 1.35 -12.93 -1.49
C ILE A 147 0.03 -13.70 -1.43
N SER A 148 -0.89 -13.29 -2.31
CA SER A 148 -2.18 -13.96 -2.49
C SER A 148 -2.92 -14.10 -1.17
N GLU A 149 -3.06 -12.97 -0.49
CA GLU A 149 -3.80 -12.91 0.78
C GLU A 149 -3.23 -13.89 1.79
N GLY A 150 -1.92 -14.07 1.77
CA GLY A 150 -1.24 -14.91 2.72
C GLY A 150 -1.14 -16.38 2.34
N GLN A 151 -1.59 -16.76 1.14
CA GLN A 151 -1.52 -18.15 0.71
C GLN A 151 -0.18 -18.52 0.11
N GLY A 152 0.65 -17.54 -0.23
CA GLY A 152 1.98 -17.79 -0.75
C GLY A 152 2.99 -16.90 -0.06
N PHE A 153 4.26 -17.27 -0.19
CA PHE A 153 5.38 -16.47 0.29
C PHE A 153 6.48 -16.55 -0.75
N MET A 154 6.84 -15.42 -1.34
CA MET A 154 7.85 -15.38 -2.38
C MET A 154 9.15 -14.83 -1.81
N THR A 155 10.26 -15.53 -2.03
CA THR A 155 11.50 -15.10 -1.39
C THR A 155 12.09 -13.89 -2.08
N ARG A 156 12.76 -13.07 -1.27
CA ARG A 156 13.45 -11.90 -1.78
C ARG A 156 14.54 -12.30 -2.77
N GLU A 157 15.25 -13.39 -2.49
CA GLU A 157 16.31 -13.81 -3.39
C GLU A 157 15.75 -14.21 -4.73
N PHE A 158 14.60 -14.92 -4.75
CA PHE A 158 13.99 -15.29 -6.01
C PHE A 158 13.59 -14.07 -6.82
N LEU A 159 12.97 -13.09 -6.16
CA LEU A 159 12.63 -11.85 -6.86
C LEU A 159 13.88 -11.16 -7.40
N LYS A 160 14.96 -11.16 -6.64
CA LYS A 160 16.21 -10.57 -7.13
C LYS A 160 16.76 -11.31 -8.34
N SER A 161 16.49 -12.61 -8.45
CA SER A 161 17.05 -13.42 -9.52
C SER A 161 16.37 -13.20 -10.87
N LEU A 162 15.29 -12.43 -10.92
CA LEU A 162 14.57 -12.25 -12.17
C LEU A 162 15.38 -11.38 -13.14
N ARG A 163 15.13 -11.59 -14.43
CA ARG A 163 15.92 -10.97 -15.48
C ARG A 163 16.06 -9.46 -15.25
N LYS A 164 17.23 -8.95 -15.66
CA LYS A 164 17.79 -7.65 -15.30
C LYS A 164 16.76 -6.59 -14.93
N PRO A 165 15.88 -6.19 -15.86
CA PRO A 165 14.94 -5.10 -15.50
C PRO A 165 14.08 -5.42 -14.29
N PHE A 166 13.50 -6.62 -14.25
CA PHE A 166 12.47 -6.94 -13.26
C PHE A 166 13.03 -7.32 -11.90
N GLY A 167 14.26 -7.83 -11.85
CA GLY A 167 14.87 -8.22 -10.60
C GLY A 167 15.17 -7.08 -9.65
N ASP A 168 15.04 -5.83 -10.10
CA ASP A 168 15.32 -4.66 -9.27
C ASP A 168 14.06 -3.96 -8.79
N PHE A 169 12.88 -4.45 -9.15
CA PHE A 169 11.65 -3.75 -8.79
C PHE A 169 11.39 -3.82 -7.29
N MET A 170 11.52 -5.00 -6.70
CA MET A 170 11.07 -5.17 -5.32
C MET A 170 12.14 -4.84 -4.30
N GLU A 171 13.41 -4.95 -4.66
CA GLU A 171 14.48 -4.76 -3.68
C GLU A 171 14.40 -3.44 -2.93
N PRO A 172 14.14 -2.29 -3.57
CA PRO A 172 13.99 -1.04 -2.79
C PRO A 172 12.85 -1.08 -1.80
N LYS A 173 11.80 -1.83 -2.11
CA LYS A 173 10.69 -1.96 -1.17
C LYS A 173 11.07 -2.84 0.02
N PHE A 174 11.82 -3.92 -0.22
CA PHE A 174 12.34 -4.68 0.90
C PHE A 174 13.28 -3.84 1.77
N GLU A 175 14.12 -3.01 1.14
CA GLU A 175 15.03 -2.18 1.92
C GLU A 175 14.26 -1.21 2.81
N PHE A 176 13.21 -0.61 2.25
CA PHE A 176 12.36 0.28 3.02
C PHE A 176 11.69 -0.47 4.15
N ALA A 177 11.14 -1.65 3.83
CA ALA A 177 10.35 -2.39 4.80
C ALA A 177 11.16 -2.81 6.01
N VAL A 178 12.39 -3.28 5.79
CA VAL A 178 13.19 -3.73 6.92
C VAL A 178 13.40 -2.59 7.92
N LYS A 179 13.67 -1.39 7.42
CA LYS A 179 13.87 -0.26 8.31
C LYS A 179 12.55 0.21 8.90
N PHE A 180 11.49 0.21 8.08
CA PHE A 180 10.18 0.63 8.58
C PHE A 180 9.67 -0.32 9.65
N ASN A 181 9.81 -1.63 9.43
CA ASN A 181 9.35 -2.60 10.40
C ASN A 181 10.10 -2.55 11.70
N ALA A 182 11.33 -2.01 11.69
CA ALA A 182 12.08 -1.83 12.93
C ALA A 182 11.41 -0.83 13.87
N LEU A 183 10.49 -0.01 13.36
CA LEU A 183 9.75 0.92 14.20
C LEU A 183 8.63 0.25 14.97
N GLU A 184 8.28 -0.99 14.61
CA GLU A 184 7.34 -1.82 15.37
C GLU A 184 5.95 -1.17 15.47
N LEU A 185 5.50 -0.54 14.39
CA LEU A 185 4.16 0.01 14.39
C LEU A 185 3.13 -1.12 14.38
N ASP A 186 1.95 -0.85 14.94
CA ASP A 186 0.84 -1.76 14.88
C ASP A 186 -0.22 -1.21 13.93
N ASP A 187 -1.29 -1.99 13.74
CA ASP A 187 -2.33 -1.57 12.81
C ASP A 187 -3.00 -0.27 13.25
N SER A 188 -3.15 -0.05 14.56
CA SER A 188 -3.74 1.20 15.03
C SER A 188 -2.87 2.39 14.64
N ASP A 189 -1.56 2.24 14.78
CA ASP A 189 -0.63 3.30 14.37
C ASP A 189 -0.74 3.53 12.86
N LEU A 190 -0.72 2.43 12.10
CA LEU A 190 -0.68 2.52 10.66
C LEU A 190 -1.94 3.18 10.12
N ALA A 191 -3.09 2.89 10.72
CA ALA A 191 -4.33 3.49 10.24
C ALA A 191 -4.23 5.01 10.20
N ILE A 192 -3.64 5.63 11.23
CA ILE A 192 -3.53 7.08 11.24
C ILE A 192 -2.44 7.56 10.30
N PHE A 193 -1.30 6.83 10.27
CA PHE A 193 -0.20 7.19 9.38
C PHE A 193 -0.67 7.25 7.93
N ILE A 194 -1.42 6.23 7.51
CA ILE A 194 -1.90 6.19 6.13
CA ILE A 194 -1.86 6.21 6.12
C ILE A 194 -2.85 7.33 5.86
N ALA A 195 -3.72 7.66 6.83
CA ALA A 195 -4.67 8.75 6.64
C ALA A 195 -3.91 10.08 6.45
N VAL A 196 -2.88 10.29 7.26
CA VAL A 196 -2.06 11.49 7.11
C VAL A 196 -1.51 11.61 5.70
N ILE A 197 -0.99 10.51 5.17
CA ILE A 197 -0.38 10.53 3.84
C ILE A 197 -1.43 10.87 2.79
N ILE A 198 -2.60 10.26 2.87
CA ILE A 198 -3.63 10.55 1.88
C ILE A 198 -3.96 12.04 1.86
N LEU A 199 -4.12 12.66 3.02
CA LEU A 199 -4.55 14.06 3.15
C LEU A 199 -3.34 15.00 3.01
N SER A 200 -2.53 14.84 1.95
CA SER A 200 -1.35 15.69 1.72
C SER A 200 -1.74 16.87 0.85
N GLY A 201 -1.59 18.07 1.38
CA GLY A 201 -2.05 19.24 0.69
C GLY A 201 -1.13 19.72 -0.42
N ASP A 202 0.03 19.09 -0.60
CA ASP A 202 0.99 19.52 -1.60
C ASP A 202 0.97 18.70 -2.88
N ARG A 203 -0.03 17.85 -3.08
CA ARG A 203 -0.10 17.10 -4.32
C ARG A 203 -0.34 18.04 -5.50
N PRO A 204 0.22 17.72 -6.66
CA PRO A 204 0.10 18.62 -7.82
C PRO A 204 -1.35 18.72 -8.25
N GLY A 205 -1.80 19.94 -8.50
CA GLY A 205 -3.08 20.17 -9.10
C GLY A 205 -4.24 20.21 -8.16
N LEU A 206 -4.02 20.21 -6.84
CA LEU A 206 -5.14 20.36 -5.92
C LEU A 206 -5.79 21.72 -6.06
N LEU A 207 -7.11 21.73 -6.09
CA LEU A 207 -7.88 22.96 -6.29
C LEU A 207 -8.12 23.75 -5.01
N ASN A 208 -8.31 23.06 -3.87
CA ASN A 208 -8.61 23.74 -2.60
CA ASN A 208 -8.65 23.70 -2.60
C ASN A 208 -7.77 23.08 -1.51
N VAL A 209 -6.61 23.66 -1.27
CA VAL A 209 -5.64 23.05 -0.37
C VAL A 209 -6.04 23.20 1.09
N LYS A 210 -6.63 24.33 1.47
N LYS A 210 -6.64 24.32 1.47
CA LYS A 210 -6.88 24.60 2.89
CA LYS A 210 -6.87 24.59 2.89
C LYS A 210 -7.70 23.52 3.58
C LYS A 210 -7.70 23.52 3.58
N PRO A 211 -8.83 23.05 3.03
CA PRO A 211 -9.59 22.03 3.76
C PRO A 211 -8.83 20.74 3.92
N ILE A 212 -7.95 20.42 2.97
CA ILE A 212 -7.14 19.23 3.07
C ILE A 212 -6.13 19.37 4.19
N GLU A 213 -5.45 20.52 4.22
CA GLU A 213 -4.47 20.75 5.28
C GLU A 213 -5.15 20.77 6.63
N ASP A 214 -6.36 21.31 6.72
CA ASP A 214 -7.00 21.34 8.01
C ASP A 214 -7.30 19.92 8.50
N ILE A 215 -7.77 19.05 7.62
CA ILE A 215 -7.99 17.65 8.00
C ILE A 215 -6.66 17.02 8.39
N GLN A 216 -5.62 17.26 7.59
CA GLN A 216 -4.34 16.62 7.89
C GLN A 216 -3.78 17.09 9.23
N ASP A 217 -3.93 18.38 9.53
CA ASP A 217 -3.43 18.88 10.81
C ASP A 217 -4.03 18.12 11.97
N ASN A 218 -5.32 17.84 11.89
CA ASN A 218 -5.99 17.12 12.95
C ASN A 218 -5.53 15.67 12.98
N LEU A 219 -5.37 15.05 11.81
CA LEU A 219 -4.84 13.70 11.74
C LEU A 219 -3.42 13.62 12.30
N LEU A 220 -2.60 14.64 12.06
CA LEU A 220 -1.25 14.66 12.60
C LEU A 220 -1.29 14.77 14.12
N GLN A 221 -2.19 15.56 14.67
CA GLN A 221 -2.32 15.60 16.13
C GLN A 221 -2.75 14.24 16.66
N ALA A 222 -3.67 13.56 15.97
CA ALA A 222 -4.10 12.23 16.41
C ALA A 222 -2.94 11.26 16.35
N LEU A 223 -2.11 11.37 15.31
CA LEU A 223 -0.96 10.47 15.16
C LEU A 223 0.04 10.69 16.28
N GLU A 224 0.33 11.96 16.60
CA GLU A 224 1.32 12.24 17.65
C GLU A 224 0.85 11.65 18.97
N LEU A 225 -0.43 11.81 19.31
CA LEU A 225 -0.93 11.30 20.58
C LEU A 225 -0.93 9.78 20.58
N GLN A 226 -1.33 9.16 19.46
CA GLN A 226 -1.30 7.70 19.33
C GLN A 226 0.10 7.17 19.62
N LEU A 227 1.13 7.82 19.03
CA LEU A 227 2.48 7.30 19.20
C LEU A 227 2.98 7.51 20.63
N LYS A 228 2.64 8.62 21.25
CA LYS A 228 3.07 8.86 22.63
C LYS A 228 2.44 7.86 23.58
N LEU A 229 1.18 7.52 23.36
CA LEU A 229 0.50 6.59 24.26
C LEU A 229 0.86 5.14 23.96
N ASN A 230 0.93 4.77 22.68
CA ASN A 230 1.16 3.39 22.28
C ASN A 230 2.63 3.02 22.24
N HIS A 231 3.54 4.00 22.16
CA HIS A 231 4.99 3.75 22.14
C HIS A 231 5.70 4.71 23.10
N PRO A 232 5.38 4.64 24.38
CA PRO A 232 5.87 5.66 25.30
C PRO A 232 7.38 5.69 25.42
N GLU A 233 8.06 4.60 25.10
CA GLU A 233 9.50 4.53 25.24
C GLU A 233 10.22 4.72 23.92
N SER A 234 9.50 5.04 22.85
CA SER A 234 10.10 5.18 21.52
C SER A 234 10.32 6.67 21.25
N SER A 235 11.53 7.12 21.54
CA SER A 235 11.84 8.53 21.46
C SER A 235 11.79 9.00 20.01
N GLN A 236 11.12 10.12 19.80
CA GLN A 236 11.07 10.79 18.50
CA GLN A 236 11.07 10.79 18.50
C GLN A 236 10.41 9.93 17.43
N LEU A 237 9.54 9.00 17.82
CA LEU A 237 8.89 8.17 16.81
C LEU A 237 8.07 8.99 15.84
N PHE A 238 7.39 10.03 16.30
CA PHE A 238 6.61 10.89 15.42
C PHE A 238 7.51 11.50 14.37
N ALA A 239 8.62 12.10 14.77
CA ALA A 239 9.56 12.67 13.81
C ALA A 239 10.08 11.63 12.84
N LYS A 240 10.36 10.42 13.32
CA LYS A 240 10.78 9.35 12.42
C LYS A 240 9.70 9.07 11.38
N LEU A 241 8.42 9.03 11.78
CA LEU A 241 7.39 8.73 10.81
C LEU A 241 7.24 9.85 9.79
N LEU A 242 7.43 11.10 10.21
CA LEU A 242 7.41 12.19 9.23
C LEU A 242 8.51 11.99 8.20
N GLN A 243 9.67 11.51 8.64
CA GLN A 243 10.73 11.25 7.69
C GLN A 243 10.40 10.08 6.78
N LYS A 244 9.72 9.05 7.30
CA LYS A 244 9.32 7.95 6.41
C LYS A 244 8.37 8.44 5.32
N MET A 245 7.55 9.45 5.62
CA MET A 245 6.67 10.01 4.58
C MET A 245 7.50 10.61 3.46
N THR A 246 8.59 11.29 3.80
CA THR A 246 9.50 11.82 2.80
C THR A 246 10.18 10.68 2.04
N ASP A 247 10.63 9.66 2.76
CA ASP A 247 11.28 8.52 2.12
C ASP A 247 10.35 7.84 1.12
N LEU A 248 9.05 7.74 1.45
CA LEU A 248 8.12 7.06 0.57
C LEU A 248 7.99 7.79 -0.76
N ARG A 249 8.03 9.12 -0.74
CA ARG A 249 7.97 9.86 -2.00
C ARG A 249 9.16 9.53 -2.88
N GLN A 250 10.32 9.33 -2.28
CA GLN A 250 11.50 9.01 -3.07
C GLN A 250 11.38 7.60 -3.62
N ILE A 251 10.87 6.66 -2.82
CA ILE A 251 10.61 5.31 -3.32
C ILE A 251 9.70 5.35 -4.54
N VAL A 252 8.62 6.13 -4.47
CA VAL A 252 7.68 6.18 -5.59
C VAL A 252 8.35 6.80 -6.81
N THR A 253 9.12 7.87 -6.63
CA THR A 253 9.84 8.47 -7.74
C THR A 253 10.75 7.45 -8.43
N GLU A 254 11.51 6.70 -7.65
CA GLU A 254 12.40 5.68 -8.20
C GLU A 254 11.60 4.60 -8.93
N HIS A 255 10.45 4.25 -8.38
CA HIS A 255 9.63 3.20 -8.98
C HIS A 255 9.11 3.64 -10.34
N VAL A 256 8.60 4.87 -10.43
CA VAL A 256 8.16 5.42 -11.71
C VAL A 256 9.29 5.36 -12.72
N GLN A 257 10.52 5.67 -12.30
CA GLN A 257 11.64 5.62 -13.22
C GLN A 257 11.85 4.21 -13.75
N LEU A 258 11.85 3.21 -12.86
CA LEU A 258 11.99 1.84 -13.31
C LEU A 258 10.92 1.50 -14.34
N LEU A 259 9.68 1.95 -14.09
CA LEU A 259 8.61 1.68 -15.03
C LEU A 259 8.89 2.29 -16.39
N GLN A 260 9.34 3.54 -16.42
CA GLN A 260 9.66 4.16 -17.71
C GLN A 260 10.64 3.31 -18.51
N VAL A 261 11.63 2.71 -17.83
CA VAL A 261 12.53 1.80 -18.52
C VAL A 261 11.76 0.63 -19.13
N ILE A 262 10.83 0.06 -18.36
CA ILE A 262 10.02 -1.04 -18.88
C ILE A 262 9.26 -0.61 -20.12
N LYS A 263 8.67 0.59 -20.09
CA LYS A 263 7.89 1.07 -21.22
C LYS A 263 8.75 1.27 -22.46
N LYS A 264 10.07 1.33 -22.31
CA LYS A 264 10.97 1.54 -23.44
C LYS A 264 11.62 0.26 -23.93
N THR A 265 12.20 -0.54 -23.04
CA THR A 265 12.90 -1.74 -23.46
C THR A 265 11.96 -2.92 -23.67
N GLU A 266 10.88 -3.00 -22.91
CA GLU A 266 9.96 -4.12 -23.00
C GLU A 266 8.84 -3.83 -23.98
N THR A 267 8.24 -4.90 -24.49
CA THR A 267 7.14 -4.82 -25.45
C THR A 267 6.05 -5.77 -25.01
N ASP A 268 4.89 -5.62 -25.62
CA ASP A 268 3.73 -6.44 -25.28
C ASP A 268 3.42 -6.35 -23.79
N MET A 269 3.54 -5.14 -23.25
CA MET A 269 3.40 -4.89 -21.82
C MET A 269 2.00 -4.31 -21.57
N SER A 270 1.07 -5.19 -21.23
CA SER A 270 -0.26 -4.75 -20.83
C SER A 270 -0.17 -4.08 -19.47
N LEU A 271 -0.77 -2.90 -19.35
CA LEU A 271 -0.87 -2.20 -18.08
C LEU A 271 -2.34 -1.96 -17.78
N HIS A 272 -2.75 -2.38 -16.59
CA HIS A 272 -4.16 -2.32 -16.23
C HIS A 272 -4.65 -0.87 -16.32
N PRO A 273 -5.86 -0.63 -16.82
CA PRO A 273 -6.31 0.76 -17.00
C PRO A 273 -6.31 1.60 -15.74
N LEU A 274 -6.59 1.01 -14.59
CA LEU A 274 -6.55 1.79 -13.37
C LEU A 274 -5.14 2.27 -13.09
N LEU A 275 -4.14 1.41 -13.31
CA LEU A 275 -2.76 1.86 -13.13
C LEU A 275 -2.33 2.85 -14.20
N GLN A 276 -2.84 2.69 -15.43
CA GLN A 276 -2.58 3.69 -16.45
C GLN A 276 -3.06 5.06 -15.99
N GLU A 277 -4.23 5.13 -15.37
CA GLU A 277 -4.72 6.42 -14.89
C GLU A 277 -3.79 6.98 -13.83
N ILE A 278 -3.38 6.15 -12.88
CA ILE A 278 -2.56 6.63 -11.79
C ILE A 278 -1.22 7.12 -12.31
N TYR A 279 -0.62 6.39 -13.24
CA TYR A 279 0.73 6.74 -13.67
C TYR A 279 0.76 7.88 -14.67
N LYS A 280 -0.37 8.23 -15.28
CA LYS A 280 -0.40 9.27 -16.30
C LYS A 280 0.15 10.56 -15.71
N ASP A 281 1.24 11.06 -16.29
CA ASP A 281 1.88 12.28 -15.83
C ASP A 281 2.30 12.17 -14.36
N GLU B 5 -10.26 8.27 -21.30
CA GLU B 5 -10.33 9.59 -20.69
C GLU B 5 -11.06 9.59 -19.33
N PRO B 6 -12.23 8.95 -19.25
CA PRO B 6 -13.00 9.00 -18.01
C PRO B 6 -12.20 8.44 -16.83
N SER B 7 -12.47 8.98 -15.65
CA SER B 7 -11.68 8.62 -14.48
C SER B 7 -12.26 7.37 -13.83
N LEU B 8 -11.43 6.33 -13.78
CA LEU B 8 -11.77 5.14 -13.00
C LEU B 8 -11.71 5.44 -11.51
N LEU B 9 -10.75 6.26 -11.08
CA LEU B 9 -10.71 6.63 -9.67
C LEU B 9 -11.99 7.34 -9.26
N LYS B 10 -12.51 8.22 -10.11
CA LYS B 10 -13.75 8.91 -9.78
C LYS B 10 -14.90 7.91 -9.63
N LYS B 11 -14.96 6.91 -10.50
CA LYS B 11 -16.01 5.91 -10.38
C LYS B 11 -15.92 5.16 -9.07
N LEU B 12 -14.70 4.76 -8.69
CA LEU B 12 -14.52 4.10 -7.39
C LEU B 12 -14.95 5.00 -6.24
N LEU B 13 -14.64 6.29 -6.34
CA LEU B 13 -14.95 7.21 -5.25
C LEU B 13 -16.45 7.39 -5.08
N LEU B 14 -17.23 7.22 -6.15
CA LEU B 14 -18.65 7.54 -6.12
C LEU B 14 -19.52 6.35 -5.79
N ALA B 15 -18.97 5.14 -5.87
CA ALA B 15 -19.77 3.97 -5.56
C ALA B 15 -20.02 3.88 -4.06
N PRO B 16 -21.25 3.74 -3.60
CA PRO B 16 -21.49 3.44 -2.18
C PRO B 16 -21.21 1.97 -1.89
N ALA B 17 -21.41 1.59 -0.63
CA ALA B 17 -21.21 0.21 -0.20
C ALA B 17 -21.87 -0.78 -1.14
O2 2OH C . 0.45 -15.14 -14.18
C13 2OH C . 0.84 -15.16 -12.86
C12 2OH C . 0.27 -14.29 -11.96
C11 2OH C . 0.64 -14.34 -10.62
C14 2OH C . 1.78 -16.08 -12.44
C15 2OH C . 2.14 -16.13 -11.11
C4 2OH C . 1.56 -15.26 -10.17
C2 2OH C . 1.93 -15.35 -8.69
C3 2OH C . 0.96 -16.31 -7.96
C5 2OH C . 3.35 -15.95 -8.54
C1 2OH C . 1.89 -13.95 -8.07
C10 2OH C . 2.76 -12.96 -8.49
C9 2OH C . 2.73 -11.70 -7.92
C6 2OH C . 0.97 -13.65 -7.06
C7 2OH C . 0.94 -12.38 -6.49
C8 2OH C . 1.82 -11.41 -6.92
O1 2OH C . 1.80 -10.16 -6.37
HO2 2OH C . 0.97 -15.84 -14.67
H12 2OH C . -0.47 -13.56 -12.30
H11 2OH C . 0.17 -13.64 -9.94
H14 2OH C . 2.25 -16.77 -13.13
H15 2OH C . 2.89 -16.85 -10.78
H31 2OH C . 1.02 -17.32 -8.36
H32 2OH C . -0.07 -15.98 -8.06
H33 2OH C . 1.17 -16.36 -6.90
H51 2OH C . 3.39 -16.98 -8.86
H52 2OH C . 3.68 -15.91 -7.50
H53 2OH C . 4.08 -15.39 -9.13
H10 2OH C . 3.49 -13.15 -9.28
H9 2OH C . 3.43 -10.93 -8.27
H6 2OH C . 0.27 -14.40 -6.71
H7 2OH C . 0.22 -12.19 -5.71
HO1 2OH C . 2.49 -9.61 -6.81
O2 2OH D . -6.44 -7.49 -12.51
C13 2OH D . -5.66 -7.52 -13.63
C12 2OH D . -4.31 -7.25 -13.55
C11 2OH D . -3.52 -7.28 -14.68
C14 2OH D . -6.22 -7.82 -14.87
C15 2OH D . -5.43 -7.83 -16.00
C4 2OH D . -4.06 -7.57 -15.92
C2 2OH D . -3.18 -7.62 -17.18
C3 2OH D . -1.80 -7.01 -16.88
C5 2OH D . -2.95 -9.08 -17.61
C1 2OH D . -3.87 -6.84 -18.31
C10 2OH D . -4.36 -7.48 -19.43
C9 2OH D . -4.92 -6.77 -20.48
C6 2OH D . -3.96 -5.45 -18.25
C7 2OH D . -4.52 -4.72 -19.29
C8 2OH D . -5.01 -5.39 -20.41
O1 2OH D . -5.54 -4.67 -21.45
HO2 2OH D . -7.38 -7.70 -12.78
H12 2OH D . -3.87 -7.02 -12.57
H11 2OH D . -2.46 -7.05 -14.57
H14 2OH D . -7.28 -8.04 -14.97
H15 2OH D . -5.88 -8.06 -16.97
H31 2OH D . -1.25 -7.59 -16.15
H32 2OH D . -1.88 -5.99 -16.49
H33 2OH D . -1.18 -6.96 -17.78
H51 2OH D . -2.41 -9.64 -16.85
H52 2OH D . -2.38 -9.14 -18.54
H53 2OH D . -3.90 -9.59 -17.78
H10 2OH D . -4.31 -8.57 -19.53
H9 2OH D . -5.31 -7.29 -21.36
H6 2OH D . -3.60 -4.91 -17.37
H7 2OH D . -4.58 -3.65 -19.20
HO1 2OH D . -5.81 -5.31 -22.15
#